data_1N41
#
_entry.id   1N41
#
_cell.length_a   157.596
_cell.length_b   157.596
_cell.length_c   37.059
_cell.angle_alpha   90.00
_cell.angle_beta   90.00
_cell.angle_gamma   120.00
#
_symmetry.space_group_name_H-M   'H 3'
#
loop_
_entity.id
_entity.type
_entity.pdbx_description
1 polymer 'annexin V'
2 non-polymer 'CALCIUM ION'
3 non-polymer 'SULFATE ION'
4 water water
#
_entity_poly.entity_id   1
_entity_poly.type   'polypeptide(L)'
_entity_poly.pdbx_seq_one_letter_code
;MALRGTVTDFSGFDGRADAEVLRKAMEGLGTDEDSILNLLTARSNAQRQQIAEEFKTLFGRDLVNDMKSELTGKFEKLIV
ALMKPSRLYDAYELKHALKGAGTDEKVLTEIIASRTPEELRAIKQAYEEEYGSNLEDDVVGDTSGYYQRMLVVLLQANRD
PDTAIDDAQVELDAQALFQAGELKWGTDEEKFITILGTRSVSHLRRVFDKYMTISGFQIEETIDRETSGNLENLLLAVVK
SIRSIPAYLAETLYYAMKGAGTDDHTLIRVIVSRSEIDLFNIRKEFRKNFATSLYSMIKGDTSGDYKKALLLLCGGEDD
;
_entity_poly.pdbx_strand_id   A
#
loop_
_chem_comp.id
_chem_comp.type
_chem_comp.name
_chem_comp.formula
CA non-polymer 'CALCIUM ION' 'Ca 2'
SO4 non-polymer 'SULFATE ION' 'O4 S -2'
#
# COMPACT_ATOMS: atom_id res chain seq x y z
N ALA A 2 2.62 18.95 -2.13
CA ALA A 2 1.82 17.74 -2.47
C ALA A 2 2.33 16.51 -1.73
N LEU A 3 2.30 15.37 -2.40
CA LEU A 3 2.77 14.12 -1.83
C LEU A 3 4.29 14.18 -1.74
N ARG A 4 4.84 13.63 -0.67
CA ARG A 4 6.29 13.62 -0.48
C ARG A 4 6.73 12.30 0.15
N GLY A 5 7.82 11.74 -0.37
CA GLY A 5 8.33 10.49 0.15
C GLY A 5 9.45 10.77 1.14
N THR A 6 10.05 9.71 1.68
CA THR A 6 11.13 9.87 2.63
C THR A 6 12.47 9.46 2.01
N VAL A 7 12.40 8.84 0.85
CA VAL A 7 13.60 8.39 0.14
C VAL A 7 13.68 9.05 -1.21
N THR A 8 14.85 9.60 -1.52
CA THR A 8 15.06 10.24 -2.81
C THR A 8 16.41 9.83 -3.39
N ASP A 9 16.65 10.18 -4.65
CA ASP A 9 17.91 9.84 -5.30
C ASP A 9 19.09 10.40 -4.51
N PHE A 10 20.17 9.63 -4.46
CA PHE A 10 21.38 10.03 -3.76
C PHE A 10 22.31 10.80 -4.69
N SER A 11 22.75 11.98 -4.23
CA SER A 11 23.65 12.82 -5.03
C SER A 11 25.05 12.25 -5.05
N GLY A 12 25.70 12.29 -6.21
CA GLY A 12 27.04 11.76 -6.32
C GLY A 12 27.02 10.25 -6.34
N PHE A 13 25.97 9.70 -6.94
CA PHE A 13 25.77 8.27 -7.05
C PHE A 13 26.79 7.59 -7.96
N ASP A 14 27.41 6.53 -7.45
CA ASP A 14 28.37 5.77 -8.24
C ASP A 14 28.02 4.30 -8.06
N GLY A 15 27.22 3.78 -9.00
CA GLY A 15 26.79 2.40 -8.95
C GLY A 15 27.89 1.39 -8.73
N ARG A 16 28.96 1.51 -9.51
CA ARG A 16 30.09 0.60 -9.40
C ARG A 16 30.74 0.65 -8.04
N ALA A 17 30.90 1.85 -7.50
CA ALA A 17 31.49 2.00 -6.18
C ALA A 17 30.58 1.31 -5.17
N ASP A 18 29.27 1.58 -5.26
CA ASP A 18 28.31 0.98 -4.35
C ASP A 18 28.34 -0.54 -4.41
N ALA A 19 28.44 -1.08 -5.63
CA ALA A 19 28.47 -2.52 -5.81
C ALA A 19 29.66 -3.17 -5.09
N GLU A 20 30.82 -2.52 -5.13
CA GLU A 20 32.00 -3.08 -4.48
C GLU A 20 31.81 -3.09 -2.98
N VAL A 21 31.17 -2.06 -2.46
CA VAL A 21 30.92 -1.99 -1.03
C VAL A 21 30.04 -3.16 -0.63
N LEU A 22 29.02 -3.45 -1.44
CA LEU A 22 28.11 -4.55 -1.14
C LEU A 22 28.83 -5.89 -1.22
N ARG A 23 29.72 -6.02 -2.20
CA ARG A 23 30.49 -7.23 -2.41
C ARG A 23 31.39 -7.51 -1.20
N LYS A 24 32.13 -6.50 -0.75
CA LYS A 24 33.01 -6.66 0.39
C LYS A 24 32.26 -6.98 1.68
N ALA A 25 31.01 -6.55 1.77
CA ALA A 25 30.19 -6.79 2.96
C ALA A 25 29.67 -8.23 3.02
N MET A 26 29.77 -8.95 1.92
CA MET A 26 29.29 -10.34 1.86
C MET A 26 30.40 -11.37 1.63
N GLU A 27 31.48 -10.96 0.98
CA GLU A 27 32.58 -11.89 0.72
C GLU A 27 33.13 -12.47 2.02
N GLY A 28 33.82 -13.60 1.92
CA GLY A 28 34.38 -14.22 3.11
C GLY A 28 33.32 -14.68 4.08
N LEU A 29 33.76 -15.25 5.20
CA LEU A 29 32.85 -15.74 6.22
C LEU A 29 32.21 -14.56 6.94
N GLY A 30 30.89 -14.62 7.10
CA GLY A 30 30.19 -13.55 7.78
C GLY A 30 29.47 -12.58 6.87
N THR A 31 28.74 -11.65 7.48
CA THR A 31 27.97 -10.65 6.73
C THR A 31 27.97 -9.32 7.49
N ASP A 32 28.28 -8.25 6.80
CA ASP A 32 28.27 -6.94 7.43
C ASP A 32 26.91 -6.31 7.14
N GLU A 33 25.92 -6.66 7.95
CA GLU A 33 24.56 -6.16 7.78
C GLU A 33 24.44 -4.64 7.85
N ASP A 34 25.14 -4.00 8.79
CA ASP A 34 25.07 -2.55 8.90
C ASP A 34 25.44 -1.85 7.61
N SER A 35 26.55 -2.28 7.02
CA SER A 35 27.01 -1.68 5.78
C SER A 35 25.96 -1.80 4.67
N ILE A 36 25.33 -2.96 4.58
CA ILE A 36 24.29 -3.18 3.57
C ILE A 36 23.06 -2.33 3.82
N LEU A 37 22.54 -2.33 5.05
CA LEU A 37 21.35 -1.56 5.36
C LEU A 37 21.59 -0.06 5.26
N ASN A 38 22.76 0.39 5.72
CA ASN A 38 23.09 1.81 5.66
C ASN A 38 23.14 2.30 4.22
N LEU A 39 23.57 1.45 3.30
CA LEU A 39 23.68 1.85 1.92
C LEU A 39 22.37 1.79 1.15
N LEU A 40 21.68 0.64 1.20
CA LEU A 40 20.44 0.47 0.46
C LEU A 40 19.28 1.37 0.86
N THR A 41 19.23 1.81 2.11
CA THR A 41 18.14 2.67 2.54
C THR A 41 18.42 4.14 2.17
N ALA A 42 19.63 4.40 1.68
CA ALA A 42 20.04 5.76 1.31
C ALA A 42 20.17 5.91 -0.20
N ARG A 43 19.54 5.00 -0.94
CA ARG A 43 19.56 5.03 -2.40
C ARG A 43 18.11 4.86 -2.83
N SER A 44 17.71 5.53 -3.91
CA SER A 44 16.34 5.40 -4.38
C SER A 44 16.20 4.00 -5.00
N ASN A 45 14.97 3.63 -5.35
CA ASN A 45 14.72 2.32 -5.92
C ASN A 45 15.39 2.16 -7.28
N ALA A 46 15.41 3.24 -8.06
CA ALA A 46 16.03 3.22 -9.38
C ALA A 46 17.54 2.99 -9.26
N GLN A 47 18.14 3.61 -8.25
CA GLN A 47 19.57 3.45 -8.04
C GLN A 47 19.93 2.05 -7.54
N ARG A 48 19.04 1.44 -6.77
CA ARG A 48 19.29 0.07 -6.29
C ARG A 48 19.34 -0.87 -7.50
N GLN A 49 18.48 -0.62 -8.48
CA GLN A 49 18.43 -1.44 -9.69
C GLN A 49 19.73 -1.30 -10.47
N GLN A 50 20.29 -0.08 -10.49
CA GLN A 50 21.55 0.15 -11.20
C GLN A 50 22.69 -0.53 -10.47
N ILE A 51 22.62 -0.53 -9.14
CA ILE A 51 23.66 -1.18 -8.34
C ILE A 51 23.62 -2.68 -8.64
N ALA A 52 22.42 -3.22 -8.76
CA ALA A 52 22.26 -4.65 -9.03
C ALA A 52 22.86 -5.00 -10.39
N GLU A 53 22.74 -4.06 -11.33
CA GLU A 53 23.27 -4.25 -12.66
C GLU A 53 24.81 -4.23 -12.70
N GLU A 54 25.40 -3.26 -12.00
CA GLU A 54 26.84 -3.11 -11.92
C GLU A 54 27.46 -4.31 -11.19
N PHE A 55 26.78 -4.75 -10.15
CA PHE A 55 27.20 -5.89 -9.34
C PHE A 55 27.36 -7.11 -10.24
N LYS A 56 26.35 -7.35 -11.07
CA LYS A 56 26.37 -8.49 -11.97
C LYS A 56 27.41 -8.33 -13.08
N THR A 57 27.67 -7.10 -13.48
CA THR A 57 28.64 -6.81 -14.53
C THR A 57 30.06 -7.04 -14.01
N LEU A 58 30.34 -6.57 -12.80
CA LEU A 58 31.67 -6.71 -12.21
C LEU A 58 32.00 -8.13 -11.74
N PHE A 59 31.04 -8.78 -11.10
CA PHE A 59 31.27 -10.10 -10.53
C PHE A 59 30.53 -11.29 -11.11
N GLY A 60 29.64 -11.06 -12.06
CA GLY A 60 28.90 -12.15 -12.64
C GLY A 60 28.03 -12.85 -11.59
N ARG A 61 27.64 -12.10 -10.57
CA ARG A 61 26.80 -12.64 -9.50
C ARG A 61 25.49 -11.83 -9.39
N ASP A 62 24.43 -12.49 -8.94
CA ASP A 62 23.13 -11.84 -8.80
C ASP A 62 23.05 -11.29 -7.38
N LEU A 63 22.99 -9.97 -7.25
CA LEU A 63 22.93 -9.31 -5.95
C LEU A 63 21.82 -9.81 -5.03
N VAL A 64 20.59 -9.85 -5.55
CA VAL A 64 19.46 -10.29 -4.74
C VAL A 64 19.65 -11.73 -4.23
N ASN A 65 20.01 -12.65 -5.11
CA ASN A 65 20.22 -14.03 -4.70
C ASN A 65 21.31 -14.13 -3.64
N ASP A 66 22.38 -13.34 -3.79
CA ASP A 66 23.46 -13.39 -2.81
C ASP A 66 22.97 -12.94 -1.44
N MET A 67 22.16 -11.90 -1.42
CA MET A 67 21.64 -11.39 -0.15
C MET A 67 20.64 -12.37 0.48
N LYS A 68 19.95 -13.13 -0.36
CA LYS A 68 19.01 -14.12 0.16
C LYS A 68 19.78 -15.23 0.86
N SER A 69 21.05 -15.38 0.46
CA SER A 69 21.93 -16.40 1.04
C SER A 69 22.58 -15.88 2.31
N GLU A 70 22.94 -14.59 2.30
CA GLU A 70 23.59 -13.94 3.43
C GLU A 70 22.65 -13.51 4.55
N LEU A 71 21.47 -13.00 4.20
CA LEU A 71 20.53 -12.52 5.20
C LEU A 71 19.46 -13.53 5.59
N THR A 72 18.81 -13.27 6.72
CA THR A 72 17.77 -14.17 7.21
C THR A 72 16.69 -13.41 7.98
N GLY A 73 15.54 -14.06 8.15
CA GLY A 73 14.45 -13.46 8.90
C GLY A 73 13.77 -12.24 8.28
N LYS A 74 13.28 -11.37 9.14
CA LYS A 74 12.58 -10.16 8.71
C LYS A 74 13.48 -9.21 7.96
N PHE A 75 14.71 -9.05 8.45
CA PHE A 75 15.67 -8.15 7.79
C PHE A 75 15.83 -8.58 6.34
N GLU A 76 15.93 -9.88 6.12
CA GLU A 76 16.10 -10.41 4.77
C GLU A 76 14.88 -10.05 3.92
N LYS A 77 13.69 -10.22 4.46
CA LYS A 77 12.47 -9.92 3.73
C LYS A 77 12.36 -8.43 3.40
N LEU A 78 12.85 -7.58 4.30
CA LEU A 78 12.79 -6.15 4.07
C LEU A 78 13.71 -5.79 2.89
N ILE A 79 14.94 -6.31 2.91
CA ILE A 79 15.91 -6.04 1.86
C ILE A 79 15.44 -6.51 0.49
N VAL A 80 14.83 -7.69 0.44
CA VAL A 80 14.33 -8.25 -0.81
C VAL A 80 13.21 -7.39 -1.37
N ALA A 81 12.39 -6.85 -0.48
CA ALA A 81 11.27 -6.01 -0.88
C ALA A 81 11.82 -4.68 -1.41
N LEU A 82 12.91 -4.23 -0.80
CA LEU A 82 13.57 -2.97 -1.18
C LEU A 82 14.26 -3.08 -2.56
N MET A 83 14.66 -4.28 -2.93
CA MET A 83 15.32 -4.51 -4.22
C MET A 83 14.31 -4.74 -5.33
N LYS A 84 13.06 -4.97 -4.96
CA LYS A 84 12.01 -5.19 -5.93
C LYS A 84 11.79 -3.90 -6.71
N PRO A 85 11.76 -3.96 -8.05
CA PRO A 85 11.54 -2.75 -8.85
C PRO A 85 10.19 -2.11 -8.48
N SER A 86 10.18 -0.79 -8.29
CA SER A 86 8.96 -0.08 -7.93
C SER A 86 7.75 -0.44 -8.79
N ARG A 87 7.99 -0.51 -10.10
CA ARG A 87 6.92 -0.84 -11.05
C ARG A 87 6.35 -2.24 -10.89
N LEU A 88 7.03 -3.10 -10.15
CA LEU A 88 6.54 -4.47 -9.99
C LEU A 88 6.15 -4.86 -8.57
N TYR A 89 6.47 -4.04 -7.59
CA TYR A 89 6.19 -4.40 -6.21
C TYR A 89 4.72 -4.66 -5.86
N ASP A 90 3.83 -3.76 -6.25
CA ASP A 90 2.41 -3.95 -5.97
C ASP A 90 1.87 -5.22 -6.65
N ALA A 91 2.33 -5.49 -7.86
CA ALA A 91 1.89 -6.69 -8.58
C ALA A 91 2.39 -7.94 -7.87
N TYR A 92 3.63 -7.87 -7.39
CA TYR A 92 4.26 -8.96 -6.67
C TYR A 92 3.43 -9.32 -5.44
N GLU A 93 3.12 -8.31 -4.64
CA GLU A 93 2.33 -8.52 -3.43
C GLU A 93 0.97 -9.13 -3.75
N LEU A 94 0.29 -8.59 -4.75
CA LEU A 94 -1.02 -9.11 -5.15
C LEU A 94 -0.91 -10.57 -5.60
N LYS A 95 0.12 -10.86 -6.39
CA LYS A 95 0.34 -12.23 -6.87
C LYS A 95 0.50 -13.19 -5.70
N HIS A 96 1.24 -12.76 -4.68
CA HIS A 96 1.49 -13.58 -3.51
C HIS A 96 0.35 -13.60 -2.50
N ALA A 97 -0.70 -12.81 -2.74
CA ALA A 97 -1.84 -12.79 -1.86
C ALA A 97 -2.87 -13.74 -2.45
N LEU A 98 -2.74 -13.99 -3.75
CA LEU A 98 -3.64 -14.86 -4.48
C LEU A 98 -3.14 -16.30 -4.63
N LYS A 99 -1.83 -16.46 -4.78
CA LYS A 99 -1.24 -17.77 -4.97
C LYS A 99 -1.35 -18.77 -3.81
N GLY A 100 -1.39 -20.04 -4.18
CA GLY A 100 -1.52 -21.11 -3.22
C GLY A 100 -2.99 -21.32 -2.86
N ALA A 101 -3.24 -22.17 -1.87
CA ALA A 101 -4.60 -22.42 -1.42
C ALA A 101 -4.91 -21.40 -0.32
N GLY A 102 -5.87 -20.52 -0.59
CA GLY A 102 -6.23 -19.49 0.35
C GLY A 102 -6.27 -18.17 -0.40
N THR A 103 -5.86 -17.09 0.24
CA THR A 103 -5.83 -15.74 -0.34
C THR A 103 -5.84 -14.71 0.78
N ASP A 104 -4.82 -13.86 0.83
CA ASP A 104 -4.73 -12.84 1.86
C ASP A 104 -5.59 -11.66 1.37
N GLU A 105 -6.87 -11.67 1.75
CA GLU A 105 -7.77 -10.62 1.34
C GLU A 105 -7.47 -9.23 1.89
N LYS A 106 -6.78 -9.13 3.02
CA LYS A 106 -6.49 -7.80 3.53
C LYS A 106 -5.50 -7.13 2.59
N VAL A 107 -4.72 -7.94 1.87
CA VAL A 107 -3.74 -7.40 0.92
C VAL A 107 -4.45 -6.94 -0.35
N LEU A 108 -5.38 -7.74 -0.87
CA LEU A 108 -6.14 -7.36 -2.06
C LEU A 108 -6.87 -6.05 -1.77
N THR A 109 -7.55 -6.00 -0.63
CA THR A 109 -8.32 -4.82 -0.22
C THR A 109 -7.47 -3.57 -0.03
N GLU A 110 -6.36 -3.72 0.69
CA GLU A 110 -5.45 -2.62 0.98
C GLU A 110 -4.87 -1.95 -0.25
N ILE A 111 -4.40 -2.75 -1.21
CA ILE A 111 -3.81 -2.22 -2.44
C ILE A 111 -4.83 -1.69 -3.44
N ILE A 112 -5.81 -2.53 -3.79
CA ILE A 112 -6.81 -2.14 -4.78
C ILE A 112 -7.69 -0.94 -4.39
N ALA A 113 -7.87 -0.69 -3.10
CA ALA A 113 -8.68 0.43 -2.64
C ALA A 113 -7.88 1.73 -2.50
N SER A 114 -6.60 1.60 -2.16
CA SER A 114 -5.75 2.77 -1.95
C SER A 114 -5.00 3.29 -3.17
N ARG A 115 -4.89 2.49 -4.23
CA ARG A 115 -4.19 2.91 -5.43
C ARG A 115 -5.09 3.67 -6.39
N THR A 116 -4.57 4.73 -6.99
CA THR A 116 -5.32 5.55 -7.94
C THR A 116 -5.55 4.77 -9.24
N PRO A 117 -6.47 5.24 -10.09
CA PRO A 117 -6.77 4.57 -11.35
C PRO A 117 -5.51 4.45 -12.22
N GLU A 118 -4.69 5.49 -12.21
CA GLU A 118 -3.46 5.50 -12.98
C GLU A 118 -2.53 4.41 -12.47
N GLU A 119 -2.41 4.28 -11.15
CA GLU A 119 -1.55 3.26 -10.57
C GLU A 119 -2.08 1.86 -10.87
N LEU A 120 -3.40 1.69 -10.83
CA LEU A 120 -3.99 0.39 -11.10
C LEU A 120 -3.76 -0.08 -12.53
N ARG A 121 -3.73 0.84 -13.48
CA ARG A 121 -3.49 0.48 -14.88
C ARG A 121 -2.05 0.00 -15.05
N ALA A 122 -1.12 0.66 -14.37
CA ALA A 122 0.28 0.28 -14.42
C ALA A 122 0.45 -1.09 -13.77
N ILE A 123 -0.28 -1.31 -12.67
CA ILE A 123 -0.21 -2.57 -11.95
C ILE A 123 -0.73 -3.73 -12.80
N LYS A 124 -1.85 -3.51 -13.48
CA LYS A 124 -2.44 -4.54 -14.32
C LYS A 124 -1.50 -4.99 -15.45
N GLN A 125 -0.79 -4.03 -16.04
CA GLN A 125 0.17 -4.32 -17.11
C GLN A 125 1.31 -5.19 -16.58
N ALA A 126 1.97 -4.68 -15.54
CA ALA A 126 3.12 -5.33 -14.94
C ALA A 126 2.80 -6.75 -14.50
N TYR A 127 1.65 -6.93 -13.88
CA TYR A 127 1.26 -8.25 -13.41
C TYR A 127 1.20 -9.22 -14.59
N GLU A 128 0.55 -8.80 -15.68
CA GLU A 128 0.39 -9.64 -16.85
C GLU A 128 1.73 -10.04 -17.49
N GLU A 129 2.60 -9.06 -17.70
CA GLU A 129 3.91 -9.26 -18.29
C GLU A 129 4.74 -10.28 -17.47
N GLU A 130 4.72 -10.09 -16.16
CA GLU A 130 5.48 -10.88 -15.22
C GLU A 130 5.02 -12.30 -14.96
N TYR A 131 3.72 -12.46 -14.76
CA TYR A 131 3.19 -13.78 -14.44
C TYR A 131 2.41 -14.45 -15.56
N GLY A 132 2.25 -13.76 -16.67
CA GLY A 132 1.54 -14.32 -17.81
C GLY A 132 0.08 -14.68 -17.59
N SER A 133 -0.59 -13.91 -16.73
CA SER A 133 -2.00 -14.14 -16.45
C SER A 133 -2.66 -12.81 -16.18
N ASN A 134 -3.97 -12.74 -16.42
CA ASN A 134 -4.73 -11.51 -16.21
C ASN A 134 -5.10 -11.34 -14.74
N LEU A 135 -4.73 -10.19 -14.17
CA LEU A 135 -5.00 -9.88 -12.76
C LEU A 135 -6.49 -10.00 -12.41
N GLU A 136 -7.36 -9.42 -13.23
CA GLU A 136 -8.79 -9.49 -12.98
C GLU A 136 -9.25 -10.94 -12.93
N ASP A 137 -8.79 -11.76 -13.87
CA ASP A 137 -9.18 -13.15 -13.90
C ASP A 137 -8.73 -13.93 -12.66
N ASP A 138 -7.55 -13.61 -12.14
CA ASP A 138 -7.06 -14.29 -10.94
C ASP A 138 -7.83 -13.84 -9.71
N VAL A 139 -8.26 -12.59 -9.70
CA VAL A 139 -9.02 -12.06 -8.57
C VAL A 139 -10.42 -12.66 -8.59
N VAL A 140 -11.02 -12.75 -9.76
CA VAL A 140 -12.35 -13.32 -9.90
C VAL A 140 -12.31 -14.80 -9.46
N GLY A 141 -11.22 -15.48 -9.79
CA GLY A 141 -11.09 -16.88 -9.44
C GLY A 141 -10.90 -17.16 -7.96
N ASP A 142 -10.37 -16.18 -7.22
CA ASP A 142 -10.15 -16.39 -5.79
C ASP A 142 -11.07 -15.64 -4.83
N THR A 143 -12.15 -15.07 -5.36
CA THR A 143 -13.11 -14.34 -4.52
C THR A 143 -14.53 -14.51 -5.03
N SER A 144 -15.50 -14.13 -4.22
CA SER A 144 -16.90 -14.26 -4.63
C SER A 144 -17.80 -13.20 -4.01
N GLY A 145 -19.04 -13.19 -4.46
CA GLY A 145 -20.03 -12.25 -3.94
C GLY A 145 -19.80 -10.81 -4.32
N TYR A 146 -20.37 -9.91 -3.53
CA TYR A 146 -20.23 -8.48 -3.77
C TYR A 146 -18.83 -7.97 -3.53
N TYR A 147 -18.05 -8.69 -2.72
CA TYR A 147 -16.68 -8.31 -2.44
C TYR A 147 -15.94 -8.39 -3.78
N GLN A 148 -16.12 -9.52 -4.47
CA GLN A 148 -15.48 -9.73 -5.76
C GLN A 148 -15.90 -8.65 -6.75
N ARG A 149 -17.20 -8.37 -6.81
CA ARG A 149 -17.72 -7.37 -7.76
C ARG A 149 -17.14 -6.00 -7.50
N MET A 150 -17.12 -5.61 -6.24
CA MET A 150 -16.47 -4.32 -5.91
C MET A 150 -15.02 -4.25 -6.36
N LEU A 151 -14.27 -5.32 -6.12
CA LEU A 151 -12.89 -5.34 -6.55
C LEU A 151 -12.78 -5.20 -8.07
N VAL A 152 -13.66 -5.89 -8.82
CA VAL A 152 -13.63 -5.83 -10.28
C VAL A 152 -13.94 -4.42 -10.74
N VAL A 153 -14.89 -3.77 -10.10
CA VAL A 153 -15.25 -2.39 -10.45
C VAL A 153 -14.02 -1.48 -10.31
N LEU A 154 -13.29 -1.64 -9.22
CA LEU A 154 -12.10 -0.83 -8.98
C LEU A 154 -11.00 -1.13 -9.99
N LEU A 155 -10.83 -2.42 -10.31
CA LEU A 155 -9.80 -2.83 -11.26
C LEU A 155 -10.04 -2.34 -12.69
N GLN A 156 -11.21 -1.76 -12.95
CA GLN A 156 -11.49 -1.22 -14.28
C GLN A 156 -10.79 0.13 -14.40
N ALA A 157 -10.46 0.72 -13.24
CA ALA A 157 -9.78 2.00 -13.18
C ALA A 157 -10.48 3.07 -14.02
N ASN A 158 -11.80 3.07 -14.00
CA ASN A 158 -12.57 4.03 -14.78
C ASN A 158 -13.38 4.98 -13.92
N ARG A 159 -12.83 5.35 -12.78
CA ARG A 159 -13.51 6.25 -11.87
C ARG A 159 -13.66 7.58 -12.61
N ASP A 160 -14.80 8.24 -12.43
CA ASP A 160 -15.01 9.53 -13.10
C ASP A 160 -13.91 10.49 -12.72
N PRO A 161 -13.55 11.40 -13.64
CA PRO A 161 -12.51 12.37 -13.34
C PRO A 161 -13.08 13.53 -12.53
N ASP A 162 -12.24 14.18 -11.74
CA ASP A 162 -12.70 15.29 -10.93
C ASP A 162 -12.98 16.50 -11.80
N THR A 163 -14.22 16.98 -11.75
CA THR A 163 -14.64 18.15 -12.52
C THR A 163 -15.39 19.09 -11.58
N ALA A 164 -16.11 20.05 -12.15
CA ALA A 164 -16.87 20.98 -11.35
C ALA A 164 -17.96 20.18 -10.63
N ILE A 165 -18.22 20.53 -9.37
CA ILE A 165 -19.22 19.82 -8.60
C ILE A 165 -20.66 20.26 -8.92
N ASP A 166 -21.51 19.26 -9.16
CA ASP A 166 -22.93 19.49 -9.46
C ASP A 166 -23.73 19.20 -8.18
N ASP A 167 -24.18 20.26 -7.51
CA ASP A 167 -24.94 20.11 -6.26
C ASP A 167 -26.15 19.20 -6.31
N ALA A 168 -26.86 19.16 -7.43
CA ALA A 168 -28.04 18.31 -7.54
C ALA A 168 -27.64 16.84 -7.58
N GLN A 169 -26.54 16.55 -8.25
CA GLN A 169 -26.06 15.17 -8.34
C GLN A 169 -25.51 14.72 -6.99
N VAL A 170 -25.03 15.68 -6.19
CA VAL A 170 -24.54 15.36 -4.87
C VAL A 170 -25.74 14.98 -3.99
N GLU A 171 -26.82 15.74 -4.08
CA GLU A 171 -28.02 15.45 -3.31
C GLU A 171 -28.62 14.13 -3.75
N LEU A 172 -28.64 13.91 -5.06
CA LEU A 172 -29.20 12.70 -5.61
C LEU A 172 -28.46 11.46 -5.09
N ASP A 173 -27.12 11.49 -5.18
CA ASP A 173 -26.30 10.37 -4.70
C ASP A 173 -26.41 10.11 -3.19
N ALA A 174 -26.49 11.18 -2.39
CA ALA A 174 -26.59 11.06 -0.95
C ALA A 174 -27.91 10.40 -0.56
N GLN A 175 -28.98 10.85 -1.20
CA GLN A 175 -30.30 10.31 -0.94
C GLN A 175 -30.38 8.85 -1.43
N ALA A 176 -29.70 8.54 -2.54
CA ALA A 176 -29.71 7.18 -3.06
C ALA A 176 -29.05 6.22 -2.07
N LEU A 177 -27.95 6.67 -1.46
CA LEU A 177 -27.26 5.84 -0.47
C LEU A 177 -28.14 5.66 0.76
N PHE A 178 -28.78 6.74 1.18
CA PHE A 178 -29.67 6.70 2.33
C PHE A 178 -30.75 5.64 2.08
N GLN A 179 -31.40 5.71 0.92
CA GLN A 179 -32.45 4.77 0.55
C GLN A 179 -31.97 3.31 0.37
N ALA A 180 -30.74 3.14 -0.10
CA ALA A 180 -30.19 1.82 -0.34
C ALA A 180 -29.74 1.10 0.93
N GLY A 181 -29.54 1.84 2.01
CA GLY A 181 -29.07 1.25 3.25
C GLY A 181 -30.02 1.40 4.44
N GLU A 182 -29.88 2.50 5.18
CA GLU A 182 -30.69 2.77 6.37
C GLU A 182 -32.20 2.63 6.18
N LEU A 183 -32.74 3.14 5.07
CA LEU A 183 -34.18 3.08 4.84
C LEU A 183 -34.65 1.81 4.15
N LYS A 184 -33.74 0.86 3.94
CA LYS A 184 -34.13 -0.38 3.29
C LYS A 184 -34.03 -1.59 4.22
N TRP A 185 -35.03 -2.46 4.14
CA TRP A 185 -35.02 -3.69 4.92
C TRP A 185 -34.03 -4.50 4.11
N GLY A 186 -32.85 -4.71 4.66
CA GLY A 186 -31.84 -5.40 3.90
C GLY A 186 -30.95 -4.30 3.34
N THR A 187 -30.27 -4.56 2.23
CA THR A 187 -29.35 -3.58 1.65
C THR A 187 -29.23 -3.73 0.14
N ASP A 188 -29.10 -2.61 -0.55
CA ASP A 188 -28.92 -2.61 -1.99
C ASP A 188 -27.42 -2.39 -2.22
N GLU A 189 -26.65 -3.48 -2.12
CA GLU A 189 -25.20 -3.41 -2.29
C GLU A 189 -24.76 -2.89 -3.64
N GLU A 190 -25.48 -3.27 -4.68
CA GLU A 190 -25.17 -2.83 -6.04
C GLU A 190 -25.08 -1.31 -6.14
N LYS A 191 -25.95 -0.63 -5.41
CA LYS A 191 -26.00 0.83 -5.40
C LYS A 191 -24.76 1.42 -4.73
N PHE A 192 -24.36 0.81 -3.62
CA PHE A 192 -23.18 1.28 -2.90
C PHE A 192 -21.92 1.09 -3.75
N ILE A 193 -21.85 -0.02 -4.48
CA ILE A 193 -20.69 -0.32 -5.32
C ILE A 193 -20.55 0.63 -6.50
N THR A 194 -21.64 0.84 -7.23
CA THR A 194 -21.65 1.73 -8.37
C THR A 194 -21.21 3.14 -7.95
N ILE A 195 -21.89 3.70 -6.95
CA ILE A 195 -21.57 5.04 -6.49
C ILE A 195 -20.17 5.20 -5.87
N LEU A 196 -19.82 4.34 -4.94
CA LEU A 196 -18.51 4.45 -4.30
C LEU A 196 -17.36 4.06 -5.22
N GLY A 197 -17.64 3.17 -6.17
CA GLY A 197 -16.61 2.72 -7.09
C GLY A 197 -16.36 3.53 -8.35
N THR A 198 -17.35 4.29 -8.83
CA THR A 198 -17.17 5.03 -10.07
C THR A 198 -17.26 6.56 -10.05
N ARG A 199 -17.80 7.13 -8.97
CA ARG A 199 -17.90 8.58 -8.89
C ARG A 199 -16.52 9.16 -8.63
N SER A 200 -16.32 10.43 -8.98
CA SER A 200 -15.04 11.08 -8.79
C SER A 200 -14.78 11.32 -7.30
N VAL A 201 -13.50 11.37 -6.93
CA VAL A 201 -13.10 11.60 -5.55
C VAL A 201 -13.68 12.89 -4.97
N SER A 202 -13.51 13.99 -5.70
CA SER A 202 -14.03 15.27 -5.23
C SER A 202 -15.54 15.22 -5.03
N HIS A 203 -16.23 14.51 -5.92
CA HIS A 203 -17.68 14.38 -5.82
C HIS A 203 -18.10 13.62 -4.57
N LEU A 204 -17.47 12.46 -4.34
CA LEU A 204 -17.80 11.64 -3.18
C LEU A 204 -17.51 12.34 -1.85
N ARG A 205 -16.47 13.16 -1.81
CA ARG A 205 -16.18 13.88 -0.59
C ARG A 205 -17.36 14.76 -0.22
N ARG A 206 -18.02 15.32 -1.24
CA ARG A 206 -19.18 16.16 -0.99
C ARG A 206 -20.36 15.30 -0.58
N VAL A 207 -20.51 14.16 -1.24
CA VAL A 207 -21.59 13.22 -0.94
C VAL A 207 -21.50 12.77 0.51
N PHE A 208 -20.29 12.46 0.97
CA PHE A 208 -20.09 12.02 2.35
C PHE A 208 -20.61 13.04 3.36
N ASP A 209 -20.35 14.33 3.12
CA ASP A 209 -20.81 15.36 4.03
C ASP A 209 -22.33 15.54 3.96
N LYS A 210 -22.88 15.47 2.75
CA LYS A 210 -24.33 15.63 2.56
C LYS A 210 -25.04 14.43 3.20
N TYR A 211 -24.50 13.23 3.01
CA TYR A 211 -25.08 12.03 3.60
C TYR A 211 -25.19 12.22 5.13
N MET A 212 -24.11 12.69 5.73
CA MET A 212 -24.05 12.95 7.17
C MET A 212 -25.16 13.93 7.56
N THR A 213 -25.27 15.00 6.79
CA THR A 213 -26.27 16.04 7.01
C THR A 213 -27.72 15.53 6.92
N ILE A 214 -28.03 14.70 5.93
CA ILE A 214 -29.40 14.23 5.81
C ILE A 214 -29.75 13.03 6.70
N SER A 215 -28.77 12.20 7.04
CA SER A 215 -29.06 10.99 7.83
C SER A 215 -28.63 11.01 9.29
N GLY A 216 -27.69 11.87 9.64
CA GLY A 216 -27.20 11.91 11.00
C GLY A 216 -26.07 10.93 11.23
N PHE A 217 -25.80 10.07 10.24
CA PHE A 217 -24.73 9.08 10.33
C PHE A 217 -23.58 9.42 9.37
N GLN A 218 -22.36 9.00 9.71
CA GLN A 218 -21.23 9.18 8.81
C GLN A 218 -21.37 7.96 7.91
N ILE A 219 -20.89 8.04 6.68
CA ILE A 219 -21.03 6.91 5.78
C ILE A 219 -20.39 5.65 6.39
N GLU A 220 -19.30 5.83 7.15
CA GLU A 220 -18.60 4.71 7.79
C GLU A 220 -19.50 3.94 8.75
N GLU A 221 -20.29 4.67 9.54
CA GLU A 221 -21.20 4.05 10.49
C GLU A 221 -22.27 3.23 9.76
N THR A 222 -22.84 3.79 8.70
CA THR A 222 -23.86 3.06 7.94
C THR A 222 -23.29 1.77 7.36
N ILE A 223 -22.06 1.84 6.86
CA ILE A 223 -21.41 0.65 6.29
C ILE A 223 -21.28 -0.46 7.33
N ASP A 224 -20.89 -0.08 8.53
CA ASP A 224 -20.74 -1.03 9.62
C ASP A 224 -22.11 -1.60 9.96
N ARG A 225 -23.11 -0.72 10.01
CA ARG A 225 -24.48 -1.13 10.34
C ARG A 225 -25.16 -1.97 9.27
N GLU A 226 -24.79 -1.78 8.01
CA GLU A 226 -25.45 -2.50 6.92
C GLU A 226 -24.70 -3.70 6.33
N THR A 227 -23.38 -3.69 6.40
CA THR A 227 -22.59 -4.78 5.82
C THR A 227 -21.70 -5.50 6.83
N SER A 228 -21.06 -6.57 6.35
CA SER A 228 -20.17 -7.38 7.16
C SER A 228 -19.18 -8.14 6.26
N GLY A 229 -18.23 -8.82 6.87
CA GLY A 229 -17.27 -9.60 6.10
C GLY A 229 -16.30 -8.79 5.28
N ASN A 230 -15.78 -9.42 4.23
CA ASN A 230 -14.82 -8.78 3.34
C ASN A 230 -15.39 -7.50 2.73
N LEU A 231 -16.66 -7.55 2.32
CA LEU A 231 -17.30 -6.39 1.73
C LEU A 231 -17.20 -5.17 2.64
N GLU A 232 -17.50 -5.33 3.92
CA GLU A 232 -17.43 -4.20 4.84
C GLU A 232 -16.03 -3.61 4.91
N ASN A 233 -15.04 -4.48 4.99
CA ASN A 233 -13.65 -4.03 5.07
C ASN A 233 -13.26 -3.24 3.83
N LEU A 234 -13.64 -3.75 2.67
CA LEU A 234 -13.34 -3.10 1.40
C LEU A 234 -14.05 -1.75 1.29
N LEU A 235 -15.35 -1.71 1.64
CA LEU A 235 -16.09 -0.45 1.56
C LEU A 235 -15.46 0.59 2.47
N LEU A 236 -15.09 0.18 3.67
CA LEU A 236 -14.46 1.11 4.61
C LEU A 236 -13.13 1.61 4.06
N ALA A 237 -12.37 0.73 3.42
CA ALA A 237 -11.07 1.10 2.85
C ALA A 237 -11.24 2.12 1.73
N VAL A 238 -12.24 1.91 0.87
CA VAL A 238 -12.52 2.82 -0.22
C VAL A 238 -12.94 4.19 0.31
N VAL A 239 -13.88 4.22 1.25
CA VAL A 239 -14.33 5.49 1.82
C VAL A 239 -13.14 6.21 2.48
N LYS A 240 -12.34 5.48 3.26
CA LYS A 240 -11.20 6.11 3.91
C LYS A 240 -10.18 6.64 2.91
N SER A 241 -9.98 5.89 1.84
CA SER A 241 -9.03 6.30 0.80
C SER A 241 -9.55 7.54 0.06
N ILE A 242 -10.87 7.62 -0.15
CA ILE A 242 -11.45 8.76 -0.84
C ILE A 242 -11.16 10.01 -0.01
N ARG A 243 -11.34 9.89 1.31
CA ARG A 243 -11.09 10.99 2.23
C ARG A 243 -9.59 11.35 2.25
N SER A 244 -8.73 10.35 2.34
CA SER A 244 -7.28 10.57 2.37
C SER A 244 -6.49 9.28 2.35
N ILE A 245 -5.77 9.04 1.26
CA ILE A 245 -4.97 7.83 1.15
C ILE A 245 -3.93 7.78 2.27
N PRO A 246 -3.19 8.89 2.49
CA PRO A 246 -2.18 8.89 3.57
C PRO A 246 -2.79 8.53 4.93
N ALA A 247 -3.99 9.02 5.18
CA ALA A 247 -4.70 8.75 6.43
C ALA A 247 -5.03 7.26 6.54
N TYR A 248 -5.57 6.69 5.46
CA TYR A 248 -5.91 5.27 5.46
C TYR A 248 -4.70 4.38 5.71
N LEU A 249 -3.61 4.64 5.01
CA LEU A 249 -2.38 3.84 5.16
C LEU A 249 -1.75 4.06 6.54
N ALA A 250 -1.88 5.26 7.08
CA ALA A 250 -1.33 5.55 8.40
C ALA A 250 -2.09 4.70 9.41
N GLU A 251 -3.38 4.51 9.16
CA GLU A 251 -4.23 3.71 10.03
C GLU A 251 -3.92 2.23 9.85
N THR A 252 -3.60 1.85 8.61
CA THR A 252 -3.28 0.46 8.31
C THR A 252 -2.02 0.05 9.07
N LEU A 253 -1.06 0.96 9.13
CA LEU A 253 0.19 0.71 9.84
C LEU A 253 -0.04 0.63 11.34
N TYR A 254 -0.72 1.63 11.89
CA TYR A 254 -1.01 1.67 13.31
C TYR A 254 -1.54 0.35 13.86
N TYR A 255 -2.57 -0.18 13.20
CA TYR A 255 -3.17 -1.44 13.63
C TYR A 255 -2.28 -2.64 13.36
N ALA A 256 -1.23 -2.45 12.58
CA ALA A 256 -0.30 -3.53 12.29
C ALA A 256 0.58 -3.75 13.51
N MET A 257 0.87 -2.66 14.22
CA MET A 257 1.70 -2.70 15.42
C MET A 257 0.81 -2.50 16.64
N LYS A 258 -0.46 -2.89 16.50
CA LYS A 258 -1.44 -2.75 17.57
C LYS A 258 -1.37 -3.90 18.57
N GLY A 259 -0.93 -3.58 19.78
CA GLY A 259 -0.83 -4.57 20.83
C GLY A 259 0.21 -5.67 20.65
N ALA A 260 -0.13 -6.87 21.09
CA ALA A 260 0.74 -8.04 21.03
C ALA A 260 1.31 -8.29 19.63
N GLY A 261 2.62 -8.53 19.58
CA GLY A 261 3.27 -8.79 18.32
C GLY A 261 3.05 -7.69 17.29
N THR A 262 3.39 -7.99 16.04
CA THR A 262 3.23 -7.02 14.97
C THR A 262 3.12 -7.70 13.61
N ASP A 263 2.28 -7.14 12.74
CA ASP A 263 2.09 -7.68 11.40
C ASP A 263 3.24 -7.19 10.53
N ASP A 264 4.35 -7.92 10.57
CA ASP A 264 5.53 -7.55 9.81
C ASP A 264 5.31 -7.41 8.31
N HIS A 265 4.62 -8.37 7.71
CA HIS A 265 4.37 -8.32 6.27
C HIS A 265 3.72 -6.99 5.88
N THR A 266 2.73 -6.57 6.65
CA THR A 266 2.02 -5.33 6.38
C THR A 266 2.90 -4.12 6.66
N LEU A 267 3.72 -4.22 7.69
CA LEU A 267 4.62 -3.15 8.06
C LEU A 267 5.64 -2.92 6.92
N ILE A 268 6.18 -4.00 6.38
CA ILE A 268 7.16 -3.93 5.31
C ILE A 268 6.53 -3.38 4.02
N ARG A 269 5.42 -3.98 3.61
CA ARG A 269 4.74 -3.56 2.38
C ARG A 269 4.40 -2.07 2.30
N VAL A 270 3.82 -1.51 3.35
CA VAL A 270 3.46 -0.11 3.34
C VAL A 270 4.67 0.83 3.31
N ILE A 271 5.64 0.58 4.20
CA ILE A 271 6.84 1.40 4.26
C ILE A 271 7.60 1.38 2.92
N VAL A 272 7.78 0.19 2.38
CA VAL A 272 8.50 0.05 1.13
C VAL A 272 7.75 0.62 -0.08
N SER A 273 6.48 0.25 -0.22
CA SER A 273 5.69 0.71 -1.36
C SER A 273 5.46 2.22 -1.43
N ARG A 274 5.36 2.89 -0.28
CA ARG A 274 5.10 4.32 -0.27
C ARG A 274 6.30 5.21 0.01
N SER A 275 7.44 4.59 0.35
CA SER A 275 8.67 5.33 0.65
C SER A 275 8.99 6.47 -0.33
N GLU A 276 8.71 6.26 -1.61
CA GLU A 276 9.01 7.28 -2.61
C GLU A 276 7.78 7.98 -3.16
N ILE A 277 6.67 7.91 -2.42
CA ILE A 277 5.45 8.56 -2.85
C ILE A 277 4.87 9.51 -1.80
N ASP A 278 4.30 8.95 -0.75
CA ASP A 278 3.67 9.75 0.29
C ASP A 278 3.94 9.34 1.74
N LEU A 279 5.02 8.59 1.98
CA LEU A 279 5.32 8.16 3.34
C LEU A 279 5.50 9.34 4.29
N PHE A 280 5.93 10.48 3.76
CA PHE A 280 6.08 11.65 4.61
C PHE A 280 4.71 12.08 5.10
N ASN A 281 3.76 12.16 4.17
CA ASN A 281 2.39 12.56 4.50
C ASN A 281 1.82 11.56 5.49
N ILE A 282 2.04 10.27 5.22
CA ILE A 282 1.56 9.22 6.10
C ILE A 282 2.03 9.48 7.53
N ARG A 283 3.27 9.95 7.68
CA ARG A 283 3.85 10.25 8.99
C ARG A 283 3.07 11.33 9.71
N LYS A 284 2.73 12.40 8.98
CA LYS A 284 1.98 13.50 9.56
C LYS A 284 0.59 13.08 10.01
N GLU A 285 -0.07 12.27 9.18
CA GLU A 285 -1.41 11.78 9.49
C GLU A 285 -1.36 10.83 10.68
N PHE A 286 -0.26 10.10 10.79
CA PHE A 286 -0.06 9.15 11.86
C PHE A 286 0.05 9.92 13.18
N ARG A 287 0.93 10.91 13.19
CA ARG A 287 1.16 11.73 14.38
C ARG A 287 -0.08 12.48 14.82
N LYS A 288 -0.83 13.01 13.85
CA LYS A 288 -2.03 13.77 14.15
C LYS A 288 -3.22 12.95 14.65
N ASN A 289 -3.27 11.67 14.30
CA ASN A 289 -4.39 10.83 14.72
C ASN A 289 -4.09 9.82 15.82
N PHE A 290 -2.82 9.62 16.16
CA PHE A 290 -2.49 8.65 17.18
C PHE A 290 -1.59 9.18 18.30
N ALA A 291 -1.41 10.49 18.35
CA ALA A 291 -0.60 11.14 19.38
C ALA A 291 0.86 10.68 19.50
N THR A 292 1.30 9.82 18.60
CA THR A 292 2.69 9.34 18.62
C THR A 292 3.24 9.36 17.21
N SER A 293 4.57 9.37 17.09
CA SER A 293 5.20 9.38 15.78
C SER A 293 5.33 7.93 15.31
N LEU A 294 5.36 7.75 13.99
CA LEU A 294 5.49 6.42 13.41
C LEU A 294 6.80 5.81 13.87
N TYR A 295 7.83 6.63 13.85
CA TYR A 295 9.18 6.26 14.26
C TYR A 295 9.22 5.57 15.63
N SER A 296 8.61 6.23 16.62
CA SER A 296 8.56 5.66 17.98
C SER A 296 7.82 4.33 17.99
N MET A 297 6.67 4.28 17.32
CA MET A 297 5.88 3.06 17.24
C MET A 297 6.78 1.91 16.80
N ILE A 298 7.44 2.11 15.67
CA ILE A 298 8.34 1.10 15.11
C ILE A 298 9.51 0.86 16.05
N LYS A 299 10.04 1.94 16.61
CA LYS A 299 11.18 1.88 17.53
C LYS A 299 10.99 0.94 18.71
N GLY A 300 9.75 0.78 19.16
CA GLY A 300 9.50 -0.10 20.29
C GLY A 300 8.78 -1.38 19.92
N ASP A 301 8.51 -1.58 18.64
CA ASP A 301 7.81 -2.77 18.18
C ASP A 301 8.71 -3.70 17.38
N THR A 302 9.92 -3.24 17.05
CA THR A 302 10.86 -4.05 16.27
C THR A 302 12.27 -4.11 16.88
N SER A 303 13.07 -5.07 16.40
CA SER A 303 14.42 -5.24 16.93
C SER A 303 15.50 -5.60 15.92
N GLY A 304 16.75 -5.25 16.25
CA GLY A 304 17.89 -5.56 15.41
C GLY A 304 18.05 -4.77 14.13
N ASP A 305 18.73 -5.37 13.16
CA ASP A 305 18.98 -4.76 11.86
C ASP A 305 17.65 -4.33 11.25
N TYR A 306 16.69 -5.24 11.26
CA TYR A 306 15.34 -4.99 10.74
C TYR A 306 14.85 -3.65 11.25
N LYS A 307 15.00 -3.43 12.55
CA LYS A 307 14.57 -2.19 13.19
C LYS A 307 15.36 -0.99 12.66
N LYS A 308 16.68 -1.14 12.58
CA LYS A 308 17.56 -0.06 12.11
C LYS A 308 17.23 0.32 10.67
N ALA A 309 16.92 -0.68 9.86
CA ALA A 309 16.59 -0.46 8.46
C ALA A 309 15.28 0.34 8.36
N LEU A 310 14.24 -0.16 9.02
CA LEU A 310 12.94 0.50 9.01
C LEU A 310 13.01 1.96 9.43
N LEU A 311 13.71 2.22 10.53
CA LEU A 311 13.83 3.58 11.05
C LEU A 311 14.49 4.56 10.08
N LEU A 312 15.51 4.09 9.36
CA LEU A 312 16.19 4.94 8.39
C LEU A 312 15.28 5.25 7.22
N LEU A 313 14.49 4.26 6.80
CA LEU A 313 13.56 4.46 5.70
C LEU A 313 12.47 5.43 6.12
N CYS A 314 11.90 5.16 7.28
CA CYS A 314 10.83 5.99 7.83
C CYS A 314 11.29 7.40 8.18
N GLY A 315 12.37 7.49 8.95
CA GLY A 315 12.88 8.79 9.34
C GLY A 315 11.95 9.51 10.29
N GLY A 316 12.19 10.81 10.48
CA GLY A 316 11.36 11.61 11.36
C GLY A 316 11.37 11.16 12.81
N GLU A 317 12.52 11.31 13.46
CA GLU A 317 12.63 10.91 14.86
C GLU A 317 11.79 11.82 15.74
N ASP A 318 11.45 13.01 15.23
CA ASP A 318 10.69 13.97 16.03
C ASP A 318 9.18 14.09 15.80
N ASP A 319 8.70 13.84 14.58
CA ASP A 319 7.25 13.96 14.32
C ASP A 319 6.41 13.86 15.60
CA CA B . 29.48 -14.05 3.52
CA CA C . -5.75 -18.96 -3.34
CA CA D . -30.90 -1.66 5.76
CA CA E . -20.33 -4.82 10.68
CA CA F . 3.20 -4.85 18.70
S SO4 G . 32.38 -15.86 -1.41
O1 SO4 G . 33.17 -17.11 -1.35
O2 SO4 G . 30.94 -16.17 -1.32
O3 SO4 G . 32.78 -14.99 -0.28
O4 SO4 G . 32.66 -15.18 -2.68
S SO4 H . -30.88 -4.28 7.64
O1 SO4 H . -30.85 -5.70 7.21
O2 SO4 H . -29.65 -3.60 7.22
O3 SO4 H . -32.06 -3.64 7.03
O4 SO4 H . -31.00 -4.21 9.11
S SO4 I . 17.44 -3.98 19.65
O1 SO4 I . 17.28 -5.45 19.66
O2 SO4 I . 16.10 -3.35 19.72
O3 SO4 I . 18.23 -3.57 20.83
O4 SO4 I . 18.12 -3.55 18.42
#